data_2A6A
#
_entry.id   2A6A
#
_cell.length_a   93.272
_cell.length_b   217.112
_cell.length_c   51.953
_cell.angle_alpha   90.000
_cell.angle_beta   90.000
_cell.angle_gamma   90.000
#
_symmetry.space_group_name_H-M   'C 2 2 2'
#
loop_
_entity.id
_entity.type
_entity.pdbx_description
1 polymer 'hypothetical protein TM0874'
2 non-polymer 'UNKNOWN LIGAND'
3 water water
#
_entity_poly.entity_id   1
_entity_poly.type   'polypeptide(L)'
_entity_poly.pdbx_seq_one_letter_code
;(MSE)GSDKIHHHHHH(MSE)NVLALDTSQRIRIGLRKGEDLFEISYTGEKKHAEILPVVVKKLLDELDLKVKDLDVVGV
GIGPGGLTGLRVGIATVVGLVSPYDIPVAPLNSFE(MSE)TAKSCPADGVVLVARRARKGYHYCAVYLKDKGLNPLKEPS
VVSDEELEEITKEFSPKIVLKDDLLISPAVLVEESERLFREKKTIHYYEIEPLYLQKSIAELNWEKKKRG
;
_entity_poly.pdbx_strand_id   A,B
#
# COMPACT_ATOMS: atom_id res chain seq x y z
N ASN A 14 -8.13 15.04 11.29
CA ASN A 14 -8.05 15.26 9.87
C ASN A 14 -6.59 15.29 9.47
N VAL A 15 -6.18 14.39 8.57
CA VAL A 15 -4.79 14.29 8.16
C VAL A 15 -4.64 14.13 6.68
N LEU A 16 -3.64 14.77 6.14
CA LEU A 16 -3.25 14.52 4.75
C LEU A 16 -1.76 14.23 4.81
N ALA A 17 -1.31 13.19 4.15
CA ALA A 17 0.12 12.88 4.12
C ALA A 17 0.60 12.51 2.73
N LEU A 18 1.79 12.93 2.36
CA LEU A 18 2.30 12.76 0.99
C LEU A 18 3.79 12.38 1.00
N ASP A 19 4.17 11.28 0.34
CA ASP A 19 5.57 10.97 0.12
C ASP A 19 5.92 10.89 -1.37
N THR A 20 7.00 11.51 -1.79
CA THR A 20 7.40 11.46 -3.18
C THR A 20 8.83 10.97 -3.37
N SER A 21 9.30 10.18 -2.43
CA SER A 21 10.67 9.74 -2.41
C SER A 21 10.95 8.76 -3.52
N GLN A 22 9.93 7.97 -3.93
CA GLN A 22 10.03 7.09 -5.10
C GLN A 22 8.77 7.15 -5.96
N ARG A 23 7.71 6.44 -5.65
CA ARG A 23 6.39 6.67 -6.27
C ARG A 23 5.71 7.88 -5.60
N ILE A 24 4.51 8.22 -6.06
CA ILE A 24 3.66 9.20 -5.40
C ILE A 24 2.73 8.45 -4.44
N ARG A 25 2.78 8.76 -3.16
CA ARG A 25 1.92 8.14 -2.21
C ARG A 25 1.20 9.23 -1.47
N ILE A 26 -0.12 9.12 -1.48
CA ILE A 26 -0.96 10.15 -0.86
C ILE A 26 -1.92 9.50 0.05
N GLY A 27 -2.12 10.08 1.21
CA GLY A 27 -3.02 9.49 2.22
C GLY A 27 -3.91 10.58 2.77
N LEU A 28 -5.19 10.29 2.89
CA LEU A 28 -6.16 11.30 3.32
C LEU A 28 -7.13 10.75 4.39
N ARG A 29 -7.10 11.28 5.59
CA ARG A 29 -7.99 10.76 6.63
C ARG A 29 -8.87 11.87 7.17
N LYS A 30 -10.12 11.52 7.45
CA LYS A 30 -11.08 12.35 8.22
C LYS A 30 -11.79 11.43 9.21
N GLY A 31 -11.36 11.40 10.46
CA GLY A 31 -11.98 10.51 11.41
C GLY A 31 -11.62 9.06 11.12
N GLU A 32 -12.62 8.19 10.99
CA GLU A 32 -12.39 6.75 10.73
C GLU A 32 -12.29 6.44 9.23
N ASP A 33 -12.35 7.48 8.39
CA ASP A 33 -12.40 7.31 6.95
C ASP A 33 -11.08 7.70 6.25
N LEU A 34 -10.46 6.74 5.58
CA LEU A 34 -9.13 6.91 4.96
C LEU A 34 -9.14 6.52 3.48
N PHE A 35 -8.72 7.42 2.60
CA PHE A 35 -8.39 7.07 1.21
C PHE A 35 -6.88 7.04 1.08
N GLU A 36 -6.38 6.12 0.28
CA GLU A 36 -4.95 6.02 -0.03
C GLU A 36 -4.81 5.99 -1.55
N ILE A 37 -3.82 6.68 -2.10
CA ILE A 37 -3.65 6.67 -3.57
C ILE A 37 -2.16 6.60 -3.85
N SER A 38 -1.81 5.77 -4.83
CA SER A 38 -0.45 5.74 -5.29
C SER A 38 -0.43 5.87 -6.79
N TYR A 39 0.69 6.37 -7.30
CA TYR A 39 0.89 6.35 -8.71
C TYR A 39 2.34 6.12 -9.01
N THR A 40 2.59 5.28 -10.01
CA THR A 40 3.91 5.14 -10.57
C THR A 40 3.86 5.07 -12.09
N GLY A 41 4.80 5.72 -12.76
CA GLY A 41 4.91 5.60 -14.19
C GLY A 41 5.28 6.93 -14.78
N GLU A 42 4.85 7.19 -16.01
CA GLU A 42 5.21 8.42 -16.67
C GLU A 42 4.46 9.58 -16.04
N LYS A 43 5.21 10.66 -15.83
CA LYS A 43 4.78 11.88 -15.12
C LYS A 43 3.56 12.54 -15.71
N LYS A 44 3.42 12.53 -17.04
CA LYS A 44 2.25 13.14 -17.72
C LYS A 44 0.97 12.84 -16.96
N HIS A 45 0.84 11.61 -16.48
CA HIS A 45 -0.42 11.14 -15.92
C HIS A 45 -0.68 11.45 -14.47
N ALA A 46 0.35 11.89 -13.74
CA ALA A 46 0.21 12.31 -12.32
C ALA A 46 -0.64 13.56 -12.15
N GLU A 47 -0.71 14.33 -13.25
CA GLU A 47 -1.58 15.49 -13.42
C GLU A 47 -3.01 15.31 -12.95
N ILE A 48 -3.51 14.11 -13.06
CA ILE A 48 -4.87 13.85 -12.68
C ILE A 48 -5.02 13.83 -11.18
N LEU A 49 -3.92 13.75 -10.42
CA LEU A 49 -4.02 13.53 -8.94
C LEU A 49 -4.65 14.63 -8.09
N PRO A 50 -4.23 15.89 -8.25
CA PRO A 50 -4.91 17.03 -7.60
C PRO A 50 -6.41 17.01 -7.80
N VAL A 51 -6.86 16.89 -9.05
CA VAL A 51 -8.27 16.64 -9.34
C VAL A 51 -8.83 15.49 -8.50
N VAL A 52 -8.20 14.34 -8.54
CA VAL A 52 -8.69 13.20 -7.80
C VAL A 52 -8.78 13.51 -6.30
N VAL A 53 -7.74 14.10 -5.79
CA VAL A 53 -7.70 14.45 -4.38
C VAL A 53 -8.80 15.46 -3.97
N LYS A 54 -8.98 16.48 -4.80
CA LYS A 54 -10.06 17.42 -4.58
C LYS A 54 -11.39 16.70 -4.49
N LYS A 55 -11.64 15.78 -5.42
CA LYS A 55 -12.86 15.00 -5.37
C LYS A 55 -12.98 14.24 -4.05
N LEU A 56 -11.87 13.75 -3.49
CA LEU A 56 -11.98 12.93 -2.30
C LEU A 56 -12.24 13.80 -1.11
N LEU A 57 -11.67 15.01 -1.15
CA LEU A 57 -11.90 16.00 -0.08
C LEU A 57 -13.34 16.44 -0.06
N ASP A 58 -13.86 16.75 -1.24
CA ASP A 58 -15.26 17.06 -1.42
C ASP A 58 -16.17 15.93 -0.87
N GLU A 59 -15.91 14.68 -1.24
CA GLU A 59 -16.65 13.55 -0.69
C GLU A 59 -16.64 13.46 0.85
N LEU A 60 -15.53 13.84 1.49
CA LEU A 60 -15.40 13.76 2.94
C LEU A 60 -15.85 15.05 3.60
N ASP A 61 -16.18 16.04 2.79
CA ASP A 61 -16.62 17.36 3.29
C ASP A 61 -15.54 17.98 4.19
N LEU A 62 -14.35 18.06 3.59
CA LEU A 62 -13.16 18.50 4.26
C LEU A 62 -12.54 19.58 3.44
N LYS A 63 -12.21 20.68 4.10
CA LYS A 63 -11.53 21.78 3.47
C LYS A 63 -10.11 21.74 3.99
N VAL A 64 -9.18 22.22 3.17
CA VAL A 64 -7.76 22.24 3.55
C VAL A 64 -7.55 23.02 4.84
N LYS A 65 -8.27 24.14 4.96
CA LYS A 65 -8.40 24.89 6.21
C LYS A 65 -8.57 24.00 7.48
N ASP A 66 -9.33 22.89 7.41
CA ASP A 66 -9.64 22.03 8.60
C ASP A 66 -8.63 20.92 8.95
N LEU A 67 -7.53 20.81 8.21
CA LEU A 67 -6.54 19.79 8.50
C LEU A 67 -5.77 20.08 9.78
N ASP A 68 -5.56 19.07 10.61
CA ASP A 68 -4.84 19.22 11.86
C ASP A 68 -3.36 19.10 11.65
N VAL A 69 -2.96 18.35 10.63
CA VAL A 69 -1.56 18.13 10.31
C VAL A 69 -1.39 17.68 8.85
N VAL A 70 -0.29 18.07 8.23
CA VAL A 70 0.05 17.52 6.91
C VAL A 70 1.39 16.81 7.02
N GLY A 71 1.47 15.61 6.47
CA GLY A 71 2.68 14.83 6.55
C GLY A 71 3.40 14.88 5.23
N VAL A 72 4.70 15.11 5.25
CA VAL A 72 5.48 14.99 4.01
C VAL A 72 6.76 14.23 4.23
N GLY A 73 7.08 13.37 3.28
CA GLY A 73 8.34 12.62 3.29
C GLY A 73 9.51 13.48 2.85
N ILE A 74 10.60 13.38 3.60
CA ILE A 74 11.82 14.18 3.34
C ILE A 74 12.99 13.36 2.79
N GLY A 75 12.75 12.11 2.48
CA GLY A 75 13.76 11.30 1.88
C GLY A 75 14.31 10.30 2.86
N PRO A 76 15.45 9.70 2.52
CA PRO A 76 16.13 9.84 1.23
C PRO A 76 15.31 9.36 0.04
N GLY A 77 15.57 9.94 -1.13
CA GLY A 77 14.93 9.56 -2.38
C GLY A 77 15.43 10.36 -3.60
N GLY A 78 14.61 10.44 -4.66
CA GLY A 78 14.97 11.26 -5.84
C GLY A 78 14.79 12.74 -5.56
N LEU A 79 15.80 13.55 -5.89
CA LEU A 79 15.77 15.00 -5.68
C LEU A 79 14.52 15.60 -6.27
N THR A 80 14.26 15.33 -7.54
CA THR A 80 13.15 15.98 -8.23
C THR A 80 11.85 15.68 -7.58
N GLY A 81 11.57 14.42 -7.38
CA GLY A 81 10.36 14.02 -6.66
C GLY A 81 10.22 14.62 -5.29
N LEU A 82 11.32 14.79 -4.59
CA LEU A 82 11.23 15.31 -3.24
C LEU A 82 11.01 16.79 -3.27
N ARG A 83 11.66 17.50 -4.17
CA ARG A 83 11.43 18.93 -4.11
C ARG A 83 10.03 19.24 -4.58
N VAL A 84 9.50 18.50 -5.54
CA VAL A 84 8.11 18.71 -5.93
C VAL A 84 7.15 18.42 -4.74
N GLY A 85 7.37 17.35 -4.03
CA GLY A 85 6.39 16.99 -2.99
C GLY A 85 6.42 17.98 -1.87
N ILE A 86 7.61 18.46 -1.56
CA ILE A 86 7.78 19.35 -0.44
C ILE A 86 7.25 20.72 -0.78
N ALA A 87 7.52 21.21 -1.99
CA ALA A 87 7.03 22.52 -2.39
C ALA A 87 5.51 22.49 -2.45
N THR A 88 4.99 21.39 -2.90
CA THR A 88 3.56 21.24 -2.87
C THR A 88 3.01 21.40 -1.44
N VAL A 89 3.56 20.70 -0.49
CA VAL A 89 3.01 20.73 0.85
C VAL A 89 3.24 22.09 1.49
N VAL A 90 4.42 22.63 1.31
CA VAL A 90 4.73 23.93 1.82
C VAL A 90 3.68 24.90 1.34
N GLY A 91 3.27 24.80 0.08
CA GLY A 91 2.34 25.76 -0.50
C GLY A 91 0.91 25.54 -0.04
N LEU A 92 0.54 24.31 0.17
CA LEU A 92 -0.84 24.02 0.50
C LEU A 92 -1.23 24.49 1.90
N VAL A 93 -0.25 24.41 2.78
CA VAL A 93 -0.37 24.62 4.21
C VAL A 93 -0.12 26.10 4.51
N SER A 94 0.61 26.78 3.64
CA SER A 94 1.11 28.12 3.93
C SER A 94 0.05 29.07 4.41
N PRO A 95 -1.13 29.12 3.75
CA PRO A 95 -2.09 30.13 4.21
C PRO A 95 -2.66 29.94 5.61
N TYR A 96 -2.67 28.74 6.16
CA TYR A 96 -3.31 28.50 7.45
C TYR A 96 -2.35 28.06 8.57
N ASP A 97 -1.03 28.05 8.28
CA ASP A 97 -0.01 27.56 9.21
C ASP A 97 -0.32 26.17 9.79
N ILE A 98 -0.84 25.27 8.96
CA ILE A 98 -1.12 23.88 9.39
C ILE A 98 0.22 23.21 9.78
N PRO A 99 0.32 22.65 11.00
CA PRO A 99 1.54 21.92 11.38
C PRO A 99 1.98 20.85 10.38
N VAL A 100 3.27 20.82 10.06
CA VAL A 100 3.83 19.82 9.16
C VAL A 100 4.58 18.73 9.94
N ALA A 101 4.36 17.48 9.56
CA ALA A 101 5.14 16.35 10.10
C ALA A 101 6.14 15.91 9.05
N PRO A 102 7.44 16.15 9.29
CA PRO A 102 8.42 15.62 8.36
C PRO A 102 8.58 14.15 8.65
N LEU A 103 8.57 13.35 7.59
CA LEU A 103 8.50 11.93 7.70
C LEU A 103 9.73 11.35 7.03
N ASN A 104 10.44 10.42 7.69
CA ASN A 104 11.60 9.77 7.09
C ASN A 104 11.19 8.61 6.18
N SER A 105 11.49 8.73 4.90
CA SER A 105 11.00 7.75 3.94
C SER A 105 11.51 6.36 4.19
N PHE A 106 12.68 6.26 4.76
CA PHE A 106 13.24 4.98 5.09
C PHE A 106 12.52 4.39 6.30
N GLU A 107 12.14 5.24 7.25
CA GLU A 107 11.39 4.76 8.38
C GLU A 107 9.94 4.40 8.01
N THR A 109 9.12 3.14 5.16
CA THR A 109 9.26 1.88 4.46
C THR A 109 9.34 0.77 5.47
N ALA A 110 10.17 0.93 6.49
CA ALA A 110 10.30 -0.09 7.50
C ALA A 110 8.93 -0.40 8.13
N LYS A 111 8.27 0.63 8.64
CA LYS A 111 6.97 0.48 9.29
C LYS A 111 5.82 0.05 8.33
N SER A 112 6.06 0.09 7.03
CA SER A 112 5.07 -0.37 6.08
C SER A 112 5.13 -1.89 5.90
N CYS A 113 5.96 -2.54 6.71
CA CYS A 113 6.22 -3.94 6.56
C CYS A 113 5.69 -4.60 7.81
N PRO A 114 4.73 -5.53 7.65
CA PRO A 114 3.99 -6.05 8.81
C PRO A 114 4.77 -7.02 9.65
N ALA A 115 5.88 -7.52 9.13
CA ALA A 115 6.76 -8.37 9.90
C ALA A 115 7.61 -7.51 10.84
N ASP A 116 8.20 -8.16 11.85
CA ASP A 116 9.09 -7.53 12.80
C ASP A 116 10.46 -8.18 12.82
N GLY A 117 11.43 -7.48 13.43
CA GLY A 117 12.84 -7.93 13.46
C GLY A 117 13.82 -6.93 12.85
N VAL A 118 15.04 -7.41 12.59
CA VAL A 118 16.11 -6.57 12.04
C VAL A 118 15.85 -6.33 10.55
N VAL A 119 15.66 -5.06 10.21
CA VAL A 119 15.27 -4.68 8.88
C VAL A 119 16.35 -3.83 8.24
N LEU A 120 16.59 -4.03 6.94
CA LEU A 120 17.55 -3.25 6.22
C LEU A 120 16.88 -2.62 5.02
N VAL A 121 16.87 -1.30 4.99
CA VAL A 121 16.30 -0.60 3.87
C VAL A 121 17.43 -0.09 3.00
N ALA A 122 17.41 -0.41 1.71
CA ALA A 122 18.39 0.17 0.80
C ALA A 122 17.73 0.64 -0.45
N ARG A 123 18.38 1.56 -1.15
CA ARG A 123 17.96 1.92 -2.48
C ARG A 123 19.05 2.57 -3.31
N ARG A 124 19.11 2.18 -4.59
CA ARG A 124 20.06 2.69 -5.55
C ARG A 124 20.16 4.19 -5.50
N ALA A 125 21.40 4.63 -5.42
CA ALA A 125 21.80 5.92 -5.94
C ALA A 125 22.75 5.47 -7.03
N ARG A 126 23.53 6.36 -7.60
CA ARG A 126 24.18 6.02 -8.85
C ARG A 126 25.01 4.72 -8.88
N LYS A 127 25.41 4.40 -10.11
CA LYS A 127 26.45 3.45 -10.43
C LYS A 127 26.65 2.40 -9.34
N GLY A 128 27.57 2.64 -8.41
CA GLY A 128 27.98 1.58 -7.47
C GLY A 128 27.72 1.90 -6.02
N TYR A 129 26.59 2.55 -5.77
CA TYR A 129 26.27 3.04 -4.44
C TYR A 129 24.79 2.84 -4.12
N HIS A 130 24.48 2.92 -2.84
CA HIS A 130 23.12 2.79 -2.34
C HIS A 130 22.95 3.70 -1.15
N TYR A 131 21.71 4.10 -0.90
CA TYR A 131 21.34 4.63 0.40
C TYR A 131 20.98 3.44 1.25
N CYS A 132 21.14 3.59 2.56
CA CYS A 132 21.10 2.44 3.43
C CYS A 132 20.90 2.73 4.91
N ALA A 133 20.04 1.96 5.57
CA ALA A 133 19.77 2.13 7.00
C ALA A 133 19.32 0.81 7.60
N VAL A 134 19.59 0.58 8.88
CA VAL A 134 19.04 -0.63 9.49
C VAL A 134 18.37 -0.33 10.82
N TYR A 135 17.23 -0.95 11.01
CA TYR A 135 16.36 -0.69 12.15
C TYR A 135 16.03 -2.01 12.84
N LEU A 136 15.95 -1.96 14.16
CA LEU A 136 15.32 -3.03 14.94
C LEU A 136 13.87 -2.65 15.09
N LYS A 137 13.00 -3.48 14.49
CA LYS A 137 11.56 -3.30 14.55
C LYS A 137 10.90 -4.33 15.51
N ASP A 138 11.28 -4.30 16.80
CA ASP A 138 10.64 -5.13 17.81
C ASP A 138 10.25 -4.30 19.04
N LYS A 139 9.52 -3.24 18.78
CA LYS A 139 8.73 -2.59 19.80
C LYS A 139 7.53 -2.00 19.06
N GLY A 140 7.70 -0.91 18.30
CA GLY A 140 8.94 -0.13 18.20
C GLY A 140 9.59 -0.09 16.83
N LEU A 141 10.13 1.08 16.45
CA LEU A 141 11.22 1.20 15.46
C LEU A 141 12.43 1.91 16.12
N ASN A 142 13.59 1.27 16.04
CA ASN A 142 14.77 1.70 16.77
C ASN A 142 15.94 1.66 15.82
N PRO A 143 16.57 2.80 15.58
CA PRO A 143 17.63 2.86 14.57
C PRO A 143 18.90 2.21 15.08
N LEU A 144 19.45 1.27 14.28
CA LEU A 144 20.79 0.71 14.53
C LEU A 144 21.87 1.34 13.61
N LYS A 145 21.45 1.77 12.43
CA LYS A 145 22.34 2.43 11.51
C LYS A 145 21.51 3.45 10.72
N GLU A 146 21.79 4.73 10.94
CA GLU A 146 21.01 5.82 10.32
C GLU A 146 21.26 5.90 8.81
N PRO A 147 20.25 6.34 8.04
CA PRO A 147 20.40 6.38 6.60
C PRO A 147 21.63 7.19 6.16
N SER A 148 22.39 6.65 5.22
CA SER A 148 23.49 7.35 4.60
C SER A 148 23.79 6.65 3.32
N VAL A 149 24.71 7.20 2.54
CA VAL A 149 25.12 6.61 1.26
C VAL A 149 26.39 5.80 1.41
N VAL A 150 26.40 4.63 0.77
CA VAL A 150 27.45 3.64 0.90
C VAL A 150 27.75 3.03 -0.47
N SER A 151 28.95 2.49 -0.60
CA SER A 151 29.28 1.67 -1.75
C SER A 151 28.53 0.33 -1.68
N ASP A 152 28.49 -0.38 -2.80
CA ASP A 152 27.94 -1.72 -2.82
C ASP A 152 28.80 -2.67 -1.96
N GLU A 153 30.12 -2.54 -2.05
CA GLU A 153 30.98 -3.33 -1.16
C GLU A 153 30.58 -3.10 0.31
N GLU A 154 30.39 -1.83 0.73
CA GLU A 154 30.08 -1.57 2.14
C GLU A 154 28.71 -2.11 2.52
N LEU A 155 27.77 -2.04 1.59
CA LEU A 155 26.47 -2.66 1.75
C LEU A 155 26.55 -4.15 2.13
N GLU A 156 27.41 -4.91 1.45
CA GLU A 156 27.54 -6.34 1.79
C GLU A 156 28.13 -6.47 3.20
N GLU A 157 29.23 -5.75 3.48
CA GLU A 157 29.77 -5.69 4.85
C GLU A 157 28.66 -5.38 5.87
N ILE A 158 27.82 -4.38 5.60
CA ILE A 158 26.75 -4.02 6.54
C ILE A 158 25.72 -5.14 6.72
N THR A 159 25.31 -5.78 5.63
CA THR A 159 24.38 -6.90 5.72
C THR A 159 25.00 -8.04 6.52
N LYS A 160 26.25 -8.36 6.21
CA LYS A 160 26.99 -9.40 6.91
C LYS A 160 27.24 -9.02 8.37
N GLU A 161 27.04 -7.76 8.73
CA GLU A 161 27.27 -7.28 10.08
C GLU A 161 26.00 -7.33 10.92
N PHE A 162 24.84 -7.25 10.29
CA PHE A 162 23.58 -7.14 11.02
C PHE A 162 22.62 -8.32 10.78
N SER A 163 23.06 -9.29 9.98
CA SER A 163 22.21 -10.37 9.51
C SER A 163 20.72 -10.03 9.61
N PRO A 164 20.29 -9.11 8.79
CA PRO A 164 18.90 -8.74 8.86
C PRO A 164 17.99 -9.92 8.49
N LYS A 165 16.96 -10.13 9.31
CA LYS A 165 15.89 -11.05 9.00
C LYS A 165 15.08 -10.51 7.80
N ILE A 166 14.80 -9.21 7.74
CA ILE A 166 14.07 -8.65 6.59
C ILE A 166 14.90 -7.60 5.82
N VAL A 167 14.74 -7.57 4.48
CA VAL A 167 15.54 -6.75 3.58
C VAL A 167 14.68 -6.14 2.47
N LEU A 168 14.54 -4.82 2.46
CA LEU A 168 13.70 -4.13 1.51
C LEU A 168 14.56 -3.29 0.57
N LYS A 169 14.90 -3.85 -0.59
CA LYS A 169 15.80 -3.25 -1.56
C LYS A 169 15.02 -2.65 -2.69
N ASP A 170 15.53 -1.54 -3.19
CA ASP A 170 15.15 -0.97 -4.50
C ASP A 170 13.68 -0.62 -4.76
N ASP A 171 12.77 -1.57 -4.69
CA ASP A 171 11.34 -1.28 -4.88
C ASP A 171 10.59 -1.31 -3.55
N LEU A 172 10.40 -0.12 -2.97
CA LEU A 172 10.01 -0.01 -1.56
C LEU A 172 8.51 0.23 -1.40
N LEU A 173 7.83 -0.61 -0.62
CA LEU A 173 6.44 -0.36 -0.26
C LEU A 173 6.40 0.68 0.86
N ILE A 174 5.80 1.81 0.53
CA ILE A 174 5.30 2.75 1.51
C ILE A 174 3.74 2.79 1.48
N SER A 175 3.14 2.49 2.63
CA SER A 175 1.69 2.49 2.81
C SER A 175 1.23 3.89 3.21
N PRO A 176 0.34 4.50 2.42
CA PRO A 176 -0.14 5.82 2.79
C PRO A 176 -0.85 5.82 4.12
N ALA A 177 -1.39 4.69 4.51
CA ALA A 177 -2.00 4.59 5.83
C ALA A 177 -0.98 4.81 6.99
N VAL A 178 0.22 4.30 6.80
CA VAL A 178 1.29 4.45 7.77
C VAL A 178 1.79 5.89 7.77
N LEU A 179 1.81 6.51 6.61
CA LEU A 179 2.18 7.91 6.53
C LEU A 179 1.25 8.73 7.39
N VAL A 180 -0.04 8.46 7.23
CA VAL A 180 -1.09 9.15 7.98
C VAL A 180 -0.99 8.85 9.47
N GLU A 181 -0.78 7.59 9.83
CA GLU A 181 -0.63 7.23 11.23
C GLU A 181 0.60 7.95 11.76
N GLU A 182 1.67 8.05 10.99
CA GLU A 182 2.87 8.72 11.47
C GLU A 182 2.76 10.22 11.63
N SER A 183 2.03 10.89 10.75
CA SER A 183 1.81 12.32 10.90
C SER A 183 1.01 12.55 12.19
N GLU A 184 0.00 11.72 12.41
CA GLU A 184 -0.83 11.83 13.61
C GLU A 184 0.03 11.74 14.84
N ARG A 185 0.92 10.77 14.89
CA ARG A 185 1.74 10.57 16.08
C ARG A 185 2.68 11.77 16.34
N LEU A 186 3.19 12.40 15.28
CA LEU A 186 4.14 13.49 15.48
C LEU A 186 3.41 14.71 16.00
N PHE A 187 2.23 14.95 15.41
CA PHE A 187 1.31 15.96 15.94
C PHE A 187 1.05 15.83 17.45
N ARG A 188 0.55 14.66 17.87
CA ARG A 188 0.24 14.39 19.28
C ARG A 188 1.48 14.55 20.17
N GLU A 189 2.64 14.13 19.69
CA GLU A 189 3.87 14.23 20.45
C GLU A 189 4.47 15.63 20.38
N LYS A 190 3.71 16.60 19.86
CA LYS A 190 4.24 17.94 19.58
C LYS A 190 5.65 17.86 18.94
N LYS A 191 5.76 17.21 17.78
CA LYS A 191 7.02 17.20 17.04
C LYS A 191 6.88 17.58 15.57
N THR A 192 5.81 18.29 15.28
CA THR A 192 5.60 18.90 13.98
C THR A 192 6.26 20.27 13.97
N ILE A 193 6.43 20.85 12.80
CA ILE A 193 7.10 22.15 12.67
C ILE A 193 6.32 23.02 11.70
N HIS A 194 6.71 24.29 11.55
CA HIS A 194 6.01 25.21 10.65
C HIS A 194 6.49 25.02 9.22
N TYR A 195 5.66 25.38 8.26
CA TYR A 195 6.02 25.21 6.86
C TYR A 195 7.31 25.98 6.51
N TYR A 196 7.56 27.08 7.19
CA TYR A 196 8.79 27.86 6.96
C TYR A 196 10.07 27.23 7.56
N GLU A 197 9.96 26.09 8.23
CA GLU A 197 11.12 25.49 8.87
C GLU A 197 11.48 24.17 8.21
N ILE A 198 10.88 23.87 7.06
CA ILE A 198 11.18 22.58 6.39
C ILE A 198 12.32 22.68 5.39
N GLU A 199 12.65 23.88 4.88
CA GLU A 199 13.92 24.03 4.17
C GLU A 199 15.04 23.81 5.18
N PRO A 200 15.25 24.76 6.13
CA PRO A 200 16.42 24.69 7.02
C PRO A 200 16.79 23.28 7.52
N LEU A 201 15.85 22.59 8.17
CA LEU A 201 16.13 21.24 8.69
C LEU A 201 15.47 20.07 7.87
N TYR A 202 15.68 20.18 6.54
CA TYR A 202 15.78 19.06 5.56
C TYR A 202 17.14 19.15 4.84
N LEU A 203 17.74 20.34 4.88
CA LEU A 203 19.15 20.53 4.55
C LEU A 203 20.01 19.86 5.65
N GLN A 204 19.95 20.36 6.89
CA GLN A 204 20.92 19.97 7.95
C GLN A 204 21.05 18.46 8.22
N LYS A 205 20.06 17.67 7.78
CA LYS A 205 20.14 16.20 7.85
C LYS A 205 19.15 15.53 6.90
N HIS B 12 4.27 -5.43 -19.66
CA HIS B 12 2.90 -5.12 -19.11
C HIS B 12 1.77 -4.73 -20.22
N ASN B 14 -3.09 -3.88 -20.07
CA ASN B 14 -4.16 -3.06 -19.51
C ASN B 14 -5.03 -3.90 -18.54
N VAL B 15 -5.04 -3.53 -17.28
CA VAL B 15 -5.56 -4.38 -16.22
C VAL B 15 -6.26 -3.52 -15.21
N LEU B 16 -7.40 -3.98 -14.75
CA LEU B 16 -8.13 -3.43 -13.58
C LEU B 16 -8.30 -4.52 -12.58
N ALA B 17 -8.07 -4.28 -11.32
CA ALA B 17 -8.27 -5.33 -10.34
C ALA B 17 -8.83 -4.72 -9.10
N LEU B 18 -9.57 -5.54 -8.36
CA LEU B 18 -10.41 -5.04 -7.31
C LEU B 18 -10.54 -6.14 -6.19
N ASP B 19 -10.34 -5.79 -4.95
CA ASP B 19 -10.62 -6.74 -3.86
C ASP B 19 -11.38 -5.98 -2.82
N THR B 20 -12.55 -6.52 -2.47
CA THR B 20 -13.45 -5.98 -1.46
C THR B 20 -13.62 -6.97 -0.26
N SER B 21 -12.56 -7.69 0.04
CA SER B 21 -12.68 -8.78 1.00
C SER B 21 -12.74 -8.21 2.38
N GLN B 22 -12.08 -7.07 2.62
CA GLN B 22 -12.14 -6.35 3.87
C GLN B 22 -12.33 -4.83 3.68
N ARG B 23 -11.32 -4.15 3.14
CA ARG B 23 -11.44 -2.79 2.69
C ARG B 23 -11.65 -2.83 1.21
N ILE B 24 -11.64 -1.68 0.57
CA ILE B 24 -11.73 -1.65 -0.86
C ILE B 24 -10.37 -1.35 -1.47
N ARG B 25 -9.85 -2.27 -2.30
CA ARG B 25 -8.55 -2.12 -2.92
C ARG B 25 -8.77 -2.11 -4.40
N ILE B 26 -8.16 -1.16 -5.12
CA ILE B 26 -8.30 -1.08 -6.54
C ILE B 26 -6.98 -0.75 -7.25
N GLY B 27 -6.63 -1.51 -8.28
CA GLY B 27 -5.44 -1.23 -9.06
C GLY B 27 -5.84 -1.07 -10.51
N LEU B 28 -5.25 -0.09 -11.16
CA LEU B 28 -5.55 0.11 -12.55
C LEU B 28 -4.20 0.35 -13.18
N ARG B 29 -3.83 -0.50 -14.15
CA ARG B 29 -2.53 -0.38 -14.83
C ARG B 29 -2.67 -0.24 -16.35
N LYS B 30 -1.80 0.53 -16.95
CA LYS B 30 -1.65 0.55 -18.44
C LYS B 30 -0.15 0.56 -18.72
N GLY B 31 0.37 -0.53 -19.29
CA GLY B 31 1.82 -0.66 -19.44
C GLY B 31 2.51 -0.42 -18.12
N GLU B 32 3.52 0.43 -18.16
CA GLU B 32 4.30 0.82 -16.98
C GLU B 32 3.61 1.87 -16.03
N ASP B 33 2.41 2.35 -16.36
CA ASP B 33 1.68 3.32 -15.54
C ASP B 33 0.70 2.55 -14.62
N LEU B 34 0.70 2.80 -13.33
CA LEU B 34 -0.20 2.10 -12.43
C LEU B 34 -0.68 3.05 -11.35
N PHE B 35 -2.00 3.11 -11.17
CA PHE B 35 -2.69 3.82 -10.08
C PHE B 35 -3.17 2.77 -9.11
N GLU B 36 -3.03 3.03 -7.82
CA GLU B 36 -3.58 2.15 -6.76
C GLU B 36 -4.49 3.00 -5.87
N ILE B 37 -5.65 2.47 -5.49
CA ILE B 37 -6.58 3.14 -4.57
C ILE B 37 -7.10 2.25 -3.46
N SER B 38 -7.15 2.78 -2.27
CA SER B 38 -7.73 2.02 -1.20
C SER B 38 -8.71 2.94 -0.46
N TYR B 39 -9.79 2.35 0.06
CA TYR B 39 -10.67 3.02 0.98
C TYR B 39 -10.96 2.19 2.23
N THR B 40 -11.05 2.87 3.36
CA THR B 40 -11.44 2.31 4.59
C THR B 40 -12.36 3.30 5.27
N GLY B 41 -13.46 2.81 5.82
CA GLY B 41 -14.38 3.62 6.65
C GLY B 41 -15.81 3.39 6.22
N GLU B 42 -16.72 4.24 6.67
CA GLU B 42 -18.13 4.03 6.41
C GLU B 42 -18.48 4.02 4.92
N LYS B 43 -19.40 3.13 4.58
CA LYS B 43 -19.77 2.84 3.20
C LYS B 43 -20.31 4.05 2.40
N LYS B 44 -20.88 5.07 3.03
CA LYS B 44 -21.37 6.25 2.29
C LYS B 44 -20.34 6.68 1.22
N HIS B 45 -19.09 6.84 1.66
CA HIS B 45 -18.03 7.49 0.87
C HIS B 45 -17.44 6.66 -0.28
N ALA B 46 -17.60 5.35 -0.22
CA ALA B 46 -17.25 4.52 -1.35
C ALA B 46 -17.92 4.92 -2.67
N GLU B 47 -19.08 5.59 -2.57
CA GLU B 47 -19.81 6.11 -3.71
C GLU B 47 -18.84 6.81 -4.69
N ILE B 48 -17.78 7.43 -4.18
CA ILE B 48 -16.84 8.17 -5.06
C ILE B 48 -15.87 7.30 -5.88
N LEU B 49 -15.61 6.07 -5.45
CA LEU B 49 -14.58 5.28 -6.10
C LEU B 49 -14.76 5.05 -7.61
N PRO B 50 -15.99 4.75 -8.02
CA PRO B 50 -16.25 4.60 -9.49
C PRO B 50 -16.06 5.90 -10.31
N VAL B 51 -16.34 7.05 -9.72
CA VAL B 51 -16.05 8.32 -10.38
C VAL B 51 -14.54 8.50 -10.56
N VAL B 52 -13.80 8.28 -9.47
CA VAL B 52 -12.34 8.33 -9.47
C VAL B 52 -11.77 7.39 -10.55
N VAL B 53 -12.19 6.14 -10.51
CA VAL B 53 -11.69 5.18 -11.46
C VAL B 53 -11.98 5.53 -12.91
N LYS B 54 -13.11 6.20 -13.16
CA LYS B 54 -13.42 6.66 -14.52
C LYS B 54 -12.54 7.84 -14.94
N LYS B 55 -12.17 8.67 -13.97
CA LYS B 55 -11.27 9.76 -14.29
C LYS B 55 -9.91 9.16 -14.63
N LEU B 56 -9.48 8.19 -13.82
CA LEU B 56 -8.23 7.48 -14.10
C LEU B 56 -8.24 6.80 -15.48
N LEU B 57 -9.34 6.16 -15.82
CA LEU B 57 -9.45 5.53 -17.15
C LEU B 57 -9.39 6.53 -18.31
N ASP B 58 -10.00 7.68 -18.11
CA ASP B 58 -10.00 8.70 -19.14
C ASP B 58 -8.60 9.28 -19.24
N GLU B 59 -7.98 9.55 -18.11
CA GLU B 59 -6.63 10.03 -18.09
C GLU B 59 -5.73 9.08 -18.85
N LEU B 60 -5.93 7.76 -18.74
CA LEU B 60 -5.04 6.79 -19.42
C LEU B 60 -5.40 6.48 -20.86
N ASP B 61 -6.52 7.03 -21.29
CA ASP B 61 -7.03 6.82 -22.61
C ASP B 61 -7.47 5.35 -22.75
N LEU B 62 -8.00 4.78 -21.67
CA LEU B 62 -8.51 3.40 -21.68
C LEU B 62 -10.01 3.32 -21.70
N LYS B 63 -10.57 2.70 -22.72
CA LYS B 63 -11.94 2.26 -22.64
C LYS B 63 -11.99 0.85 -21.98
N VAL B 64 -13.12 0.50 -21.38
CA VAL B 64 -13.26 -0.78 -20.69
C VAL B 64 -13.00 -1.96 -21.63
N LYS B 65 -13.37 -1.79 -22.90
CA LYS B 65 -13.17 -2.84 -23.91
C LYS B 65 -11.70 -3.00 -24.24
N ASP B 66 -10.88 -1.99 -23.92
CA ASP B 66 -9.44 -2.10 -24.09
C ASP B 66 -8.77 -2.92 -22.96
N LEU B 67 -9.51 -3.37 -21.95
CA LEU B 67 -8.88 -4.09 -20.86
C LEU B 67 -8.58 -5.54 -21.28
N ASP B 68 -7.42 -6.05 -20.87
CA ASP B 68 -7.03 -7.40 -21.18
C ASP B 68 -7.60 -8.38 -20.17
N VAL B 69 -7.69 -7.97 -18.94
CA VAL B 69 -8.13 -8.82 -17.88
C VAL B 69 -8.60 -7.94 -16.73
N VAL B 70 -9.59 -8.43 -15.98
CA VAL B 70 -10.06 -7.80 -14.76
C VAL B 70 -9.94 -8.82 -13.62
N GLY B 71 -9.28 -8.44 -12.55
CA GLY B 71 -9.07 -9.28 -11.42
C GLY B 71 -10.13 -9.00 -10.41
N VAL B 72 -10.58 -10.00 -9.72
CA VAL B 72 -11.52 -9.74 -8.62
C VAL B 72 -11.25 -10.66 -7.46
N GLY B 73 -11.20 -10.09 -6.27
CA GLY B 73 -10.96 -10.86 -5.09
C GLY B 73 -12.17 -11.72 -4.84
N ILE B 74 -11.94 -12.96 -4.41
CA ILE B 74 -13.05 -13.85 -4.07
C ILE B 74 -13.04 -14.33 -2.67
N GLY B 75 -12.18 -13.78 -1.81
CA GLY B 75 -12.22 -14.13 -0.38
C GLY B 75 -11.07 -15.03 0.00
N PRO B 76 -11.09 -15.52 1.26
CA PRO B 76 -12.07 -15.28 2.35
C PRO B 76 -12.26 -13.81 2.80
N GLY B 77 -13.49 -13.48 3.19
CA GLY B 77 -13.78 -12.18 3.78
C GLY B 77 -15.26 -11.98 4.08
N GLY B 78 -15.65 -10.73 4.33
CA GLY B 78 -17.04 -10.35 4.44
C GLY B 78 -17.81 -10.68 3.18
N LEU B 79 -18.88 -11.42 3.40
CA LEU B 79 -19.70 -11.95 2.34
C LEU B 79 -20.41 -10.85 1.55
N THR B 80 -21.00 -9.88 2.24
CA THR B 80 -21.69 -8.82 1.53
C THR B 80 -20.72 -8.07 0.58
N GLY B 81 -19.56 -7.69 1.11
CA GLY B 81 -18.58 -6.91 0.37
C GLY B 81 -18.04 -7.66 -0.82
N LEU B 82 -17.97 -8.99 -0.69
CA LEU B 82 -17.51 -9.82 -1.79
C LEU B 82 -18.61 -9.86 -2.82
N ARG B 83 -19.83 -10.10 -2.38
CA ARG B 83 -20.92 -10.17 -3.33
C ARG B 83 -21.02 -8.90 -4.20
N VAL B 84 -20.79 -7.76 -3.55
CA VAL B 84 -20.91 -6.44 -4.16
C VAL B 84 -19.80 -6.18 -5.18
N GLY B 85 -18.55 -6.47 -4.80
CA GLY B 85 -17.40 -6.30 -5.67
C GLY B 85 -17.51 -7.21 -6.88
N ILE B 86 -17.96 -8.44 -6.66
CA ILE B 86 -18.17 -9.37 -7.76
C ILE B 86 -19.27 -8.89 -8.72
N ALA B 87 -20.38 -8.44 -8.16
CA ALA B 87 -21.54 -7.96 -8.93
C ALA B 87 -21.11 -6.73 -9.77
N THR B 88 -20.26 -5.92 -9.16
CA THR B 88 -19.79 -4.76 -9.82
C THR B 88 -18.99 -5.24 -11.03
N VAL B 89 -18.17 -6.28 -10.83
CA VAL B 89 -17.36 -6.76 -11.96
C VAL B 89 -18.21 -7.37 -13.08
N VAL B 90 -19.22 -8.13 -12.70
CA VAL B 90 -20.14 -8.72 -13.69
C VAL B 90 -20.77 -7.63 -14.54
N GLY B 91 -21.21 -6.53 -13.90
CA GLY B 91 -21.88 -5.46 -14.64
C GLY B 91 -20.93 -4.87 -15.68
N LEU B 92 -19.66 -4.82 -15.30
CA LEU B 92 -18.70 -4.12 -16.04
C LEU B 92 -18.22 -4.87 -17.28
N VAL B 93 -18.00 -6.18 -17.15
CA VAL B 93 -17.33 -6.99 -18.19
C VAL B 93 -18.30 -7.81 -19.06
N SER B 94 -19.52 -8.03 -18.60
CA SER B 94 -20.43 -8.90 -19.34
C SER B 94 -20.76 -8.42 -20.76
N PRO B 95 -20.79 -7.10 -20.98
CA PRO B 95 -21.01 -6.68 -22.36
C PRO B 95 -19.91 -7.11 -23.34
N TYR B 96 -18.68 -7.20 -22.84
CA TYR B 96 -17.48 -7.46 -23.62
C TYR B 96 -16.81 -8.81 -23.29
N ASP B 97 -17.32 -9.59 -22.33
CA ASP B 97 -16.73 -10.87 -21.95
C ASP B 97 -15.23 -10.72 -21.70
N ILE B 98 -14.84 -9.65 -21.01
CA ILE B 98 -13.43 -9.49 -20.62
C ILE B 98 -13.09 -10.67 -19.72
N PRO B 99 -11.96 -11.36 -19.99
CA PRO B 99 -11.46 -12.46 -19.14
C PRO B 99 -11.35 -11.99 -17.73
N VAL B 100 -11.71 -12.84 -16.78
CA VAL B 100 -11.67 -12.45 -15.36
C VAL B 100 -10.70 -13.35 -14.59
N ALA B 101 -9.85 -12.74 -13.79
CA ALA B 101 -8.91 -13.44 -12.93
C ALA B 101 -9.41 -13.45 -11.50
N PRO B 102 -9.82 -14.59 -10.99
CA PRO B 102 -10.24 -14.67 -9.59
C PRO B 102 -9.04 -14.66 -8.72
N LEU B 103 -9.10 -13.89 -7.64
CA LEU B 103 -7.95 -13.72 -6.76
C LEU B 103 -8.27 -14.16 -5.36
N ASN B 104 -7.43 -15.02 -4.82
CA ASN B 104 -7.59 -15.47 -3.44
C ASN B 104 -7.12 -14.39 -2.50
N SER B 105 -8.01 -13.86 -1.67
CA SER B 105 -7.64 -12.69 -0.83
C SER B 105 -6.50 -12.92 0.12
N PHE B 106 -6.40 -14.14 0.69
CA PHE B 106 -5.31 -14.50 1.63
C PHE B 106 -3.94 -14.64 0.92
N GLU B 107 -4.01 -15.12 -0.29
CA GLU B 107 -2.80 -15.26 -1.05
C GLU B 107 -2.30 -13.83 -1.40
N THR B 109 -2.81 -11.20 0.30
CA THR B 109 -2.34 -10.63 1.58
C THR B 109 -0.93 -11.10 1.86
N ALA B 110 -0.74 -12.41 1.79
CA ALA B 110 0.59 -13.00 1.93
C ALA B 110 1.62 -12.40 0.94
N LYS B 111 1.22 -12.30 -0.30
CA LYS B 111 2.11 -11.75 -1.30
C LYS B 111 2.34 -10.24 -1.11
N SER B 112 1.49 -9.57 -0.32
CA SER B 112 1.60 -8.12 -0.11
C SER B 112 2.58 -7.83 0.99
N CYS B 113 3.14 -8.87 1.56
CA CYS B 113 4.06 -8.71 2.62
C CYS B 113 5.49 -8.93 2.11
N PRO B 114 6.36 -7.93 2.22
CA PRO B 114 7.76 -8.02 1.67
C PRO B 114 8.63 -9.21 2.13
N ALA B 115 8.66 -9.47 3.41
CA ALA B 115 9.37 -10.64 3.91
C ALA B 115 8.96 -11.99 3.28
N ASP B 116 9.94 -12.90 3.23
CA ASP B 116 9.75 -14.33 2.91
C ASP B 116 9.80 -15.20 4.21
N GLY B 117 9.50 -16.48 4.06
CA GLY B 117 9.36 -17.39 5.18
C GLY B 117 7.95 -17.92 5.28
N VAL B 118 7.68 -18.53 6.44
CA VAL B 118 6.38 -19.10 6.73
C VAL B 118 5.46 -18.02 7.28
N VAL B 119 4.34 -17.80 6.56
CA VAL B 119 3.35 -16.76 6.85
C VAL B 119 1.97 -17.32 7.27
N LEU B 120 1.51 -16.93 8.44
CA LEU B 120 0.19 -17.30 8.83
C LEU B 120 -0.69 -16.11 8.50
N VAL B 121 -1.79 -16.35 7.80
CA VAL B 121 -2.75 -15.32 7.52
C VAL B 121 -4.07 -15.71 8.18
N ALA B 122 -4.65 -14.83 8.98
CA ALA B 122 -5.91 -15.09 9.64
C ALA B 122 -6.77 -13.85 9.73
N ARG B 123 -8.08 -14.05 9.66
CA ARG B 123 -9.07 -12.99 9.85
C ARG B 123 -10.24 -13.55 10.61
N ARG B 124 -10.97 -12.69 11.29
CA ARG B 124 -12.14 -13.12 12.08
C ARG B 124 -13.33 -13.54 11.19
N ALA B 125 -14.01 -14.61 11.55
CA ALA B 125 -15.11 -15.10 10.71
C ALA B 125 -16.46 -14.95 11.41
N ARG B 126 -16.53 -15.27 12.69
CA ARG B 126 -17.69 -14.95 13.48
C ARG B 126 -17.29 -15.11 14.96
N LYS B 127 -18.23 -14.95 15.89
CA LYS B 127 -17.88 -15.13 17.29
C LYS B 127 -17.19 -16.48 17.45
N GLY B 128 -15.94 -16.47 17.92
CA GLY B 128 -15.19 -17.69 18.22
C GLY B 128 -14.41 -18.34 17.08
N TYR B 129 -14.30 -17.69 15.91
CA TYR B 129 -13.78 -18.38 14.74
C TYR B 129 -12.99 -17.46 13.86
N HIS B 130 -11.99 -18.00 13.17
CA HIS B 130 -11.18 -17.24 12.22
C HIS B 130 -11.05 -17.98 10.89
N TYR B 131 -10.95 -17.25 9.79
CA TYR B 131 -10.46 -17.86 8.57
C TYR B 131 -8.96 -17.94 8.77
N CYS B 132 -8.35 -19.06 8.42
CA CYS B 132 -6.93 -19.21 8.62
C CYS B 132 -6.23 -19.92 7.45
N ALA B 133 -5.04 -19.45 7.05
CA ALA B 133 -4.22 -20.17 6.07
C ALA B 133 -2.74 -20.02 6.41
N VAL B 134 -1.92 -20.92 5.87
CA VAL B 134 -0.48 -20.85 6.07
C VAL B 134 0.26 -21.07 4.75
N TYR B 135 1.22 -20.19 4.44
CA TYR B 135 2.01 -20.28 3.23
C TYR B 135 3.51 -20.31 3.51
N LEU B 136 4.24 -20.95 2.62
CA LEU B 136 5.70 -20.81 2.53
C LEU B 136 6.03 -19.78 1.48
N LYS B 137 6.61 -18.68 1.90
CA LYS B 137 7.10 -17.67 0.97
C LYS B 137 8.59 -17.84 0.85
N ASP B 138 9.03 -18.33 -0.29
CA ASP B 138 10.45 -18.44 -0.60
C ASP B 138 10.43 -18.33 -2.09
N LYS B 139 10.74 -17.12 -2.56
CA LYS B 139 10.44 -16.68 -3.91
C LYS B 139 8.91 -16.77 -4.03
N GLY B 140 8.41 -17.85 -4.64
CA GLY B 140 6.96 -17.96 -4.79
C GLY B 140 6.18 -18.20 -3.50
N LEU B 141 4.91 -18.49 -3.72
CA LEU B 141 4.00 -18.77 -2.65
C LEU B 141 3.54 -20.23 -2.71
N ASN B 142 3.73 -20.95 -1.61
CA ASN B 142 3.28 -22.32 -1.51
C ASN B 142 2.36 -22.60 -0.30
N PRO B 143 1.15 -23.08 -0.56
CA PRO B 143 0.17 -23.29 0.49
C PRO B 143 0.54 -24.45 1.38
N LEU B 144 0.92 -24.16 2.61
CA LEU B 144 1.11 -25.21 3.60
C LEU B 144 -0.26 -25.68 4.14
N LYS B 145 -1.21 -24.74 4.25
CA LYS B 145 -2.59 -25.04 4.60
C LYS B 145 -3.49 -24.01 3.93
N GLU B 146 -4.46 -24.51 3.16
CA GLU B 146 -5.39 -23.67 2.41
C GLU B 146 -6.38 -23.06 3.40
N PRO B 147 -6.97 -21.91 3.01
CA PRO B 147 -7.89 -21.20 3.90
C PRO B 147 -8.96 -22.12 4.44
N SER B 148 -9.30 -21.97 5.70
CA SER B 148 -10.46 -22.69 6.25
C SER B 148 -10.92 -21.94 7.48
N VAL B 149 -12.09 -22.31 7.96
CA VAL B 149 -12.62 -21.80 9.23
C VAL B 149 -12.16 -22.67 10.37
N VAL B 150 -11.35 -22.10 11.24
CA VAL B 150 -10.99 -22.80 12.48
C VAL B 150 -11.55 -22.09 13.66
N SER B 151 -11.69 -22.81 14.75
CA SER B 151 -12.09 -22.22 16.00
C SER B 151 -10.90 -21.45 16.46
N ASP B 152 -11.15 -20.49 17.35
CA ASP B 152 -10.07 -19.71 17.95
C ASP B 152 -9.04 -20.58 18.72
N GLU B 153 -9.45 -21.71 19.26
CA GLU B 153 -8.48 -22.55 19.96
C GLU B 153 -7.61 -23.22 18.93
N GLU B 154 -8.25 -23.76 17.87
CA GLU B 154 -7.56 -24.38 16.73
C GLU B 154 -6.52 -23.43 16.10
N LEU B 155 -6.90 -22.17 15.97
CA LEU B 155 -5.97 -21.15 15.53
C LEU B 155 -4.68 -21.06 16.36
N GLU B 156 -4.76 -21.22 17.67
CA GLU B 156 -3.55 -21.00 18.43
C GLU B 156 -2.73 -22.27 18.34
N GLU B 157 -3.43 -23.40 18.22
CA GLU B 157 -2.81 -24.69 17.96
C GLU B 157 -2.07 -24.61 16.62
N ILE B 158 -2.78 -24.19 15.57
CA ILE B 158 -2.13 -24.08 14.25
C ILE B 158 -0.87 -23.23 14.36
N THR B 159 -0.95 -22.16 15.14
CA THR B 159 0.19 -21.24 15.34
C THR B 159 1.39 -21.82 16.08
N LYS B 160 1.13 -22.46 17.21
CA LYS B 160 2.18 -23.16 17.99
C LYS B 160 2.90 -24.12 17.03
N GLU B 161 2.09 -24.78 16.21
CA GLU B 161 2.48 -25.97 15.52
C GLU B 161 3.25 -25.69 14.21
N PHE B 162 2.89 -24.66 13.46
CA PHE B 162 3.65 -24.31 12.25
C PHE B 162 4.87 -23.37 12.48
N SER B 163 5.01 -22.82 13.70
CA SER B 163 5.98 -21.76 14.02
C SER B 163 6.25 -20.74 12.87
N PRO B 164 5.24 -19.92 12.52
CA PRO B 164 5.45 -18.90 11.46
C PRO B 164 6.44 -17.80 11.84
N LYS B 165 7.31 -17.41 10.90
CA LYS B 165 8.09 -16.16 11.02
C LYS B 165 7.18 -14.93 11.05
N ILE B 166 6.04 -14.99 10.38
CA ILE B 166 5.23 -13.81 10.14
C ILE B 166 3.75 -14.11 10.27
N VAL B 167 3.02 -13.14 10.81
CA VAL B 167 1.65 -13.37 11.21
C VAL B 167 0.75 -12.22 10.83
N LEU B 168 -0.01 -12.41 9.77
CA LEU B 168 -0.87 -11.37 9.28
C LEU B 168 -2.26 -11.68 9.77
N LYS B 169 -2.71 -10.94 10.77
CA LYS B 169 -3.92 -11.29 11.52
C LYS B 169 -4.94 -10.15 11.57
N ASP B 170 -6.20 -10.43 11.26
CA ASP B 170 -7.32 -9.49 11.44
C ASP B 170 -7.27 -8.16 10.65
N ASP B 171 -6.17 -7.40 10.76
CA ASP B 171 -6.03 -6.19 9.96
C ASP B 171 -5.06 -6.40 8.77
N LEU B 172 -5.61 -6.82 7.62
CA LEU B 172 -4.80 -7.34 6.51
C LEU B 172 -4.42 -6.28 5.45
N LEU B 173 -3.13 -6.11 5.22
CA LEU B 173 -2.65 -5.28 4.13
C LEU B 173 -2.67 -6.07 2.80
N ILE B 174 -3.44 -5.60 1.84
CA ILE B 174 -3.40 -6.13 0.48
C ILE B 174 -3.00 -4.94 -0.41
N SER B 175 -1.98 -5.13 -1.25
CA SER B 175 -1.47 -4.06 -2.04
C SER B 175 -2.21 -4.09 -3.39
N PRO B 176 -2.92 -3.02 -3.75
CA PRO B 176 -3.50 -3.12 -5.11
C PRO B 176 -2.47 -3.43 -6.23
N ALA B 177 -1.22 -3.01 -6.07
CA ALA B 177 -0.21 -3.45 -7.07
C ALA B 177 -0.08 -4.99 -7.20
N VAL B 178 -0.13 -5.68 -6.06
CA VAL B 178 -0.07 -7.12 -6.02
C VAL B 178 -1.29 -7.72 -6.77
N LEU B 179 -2.49 -7.16 -6.57
CA LEU B 179 -3.68 -7.67 -7.29
C LEU B 179 -3.50 -7.54 -8.80
N VAL B 180 -2.93 -6.44 -9.23
CA VAL B 180 -2.70 -6.26 -10.66
C VAL B 180 -1.66 -7.24 -11.19
N GLU B 181 -0.63 -7.53 -10.39
CA GLU B 181 0.45 -8.39 -10.85
C GLU B 181 -0.12 -9.82 -11.02
N GLU B 182 -0.84 -10.25 -10.00
CA GLU B 182 -1.48 -11.53 -10.03
C GLU B 182 -2.48 -11.69 -11.19
N SER B 183 -3.30 -10.70 -11.45
CA SER B 183 -4.29 -10.82 -12.53
C SER B 183 -3.53 -10.99 -13.86
N GLU B 184 -2.50 -10.19 -14.05
CA GLU B 184 -1.60 -10.26 -15.23
C GLU B 184 -1.03 -11.67 -15.47
N ARG B 185 -0.67 -12.33 -14.39
CA ARG B 185 -0.11 -13.67 -14.40
C ARG B 185 -1.14 -14.74 -14.84
N LEU B 186 -2.33 -14.72 -14.23
CA LEU B 186 -3.37 -15.69 -14.56
C LEU B 186 -3.83 -15.47 -15.99
N PHE B 187 -3.95 -14.22 -16.40
CA PHE B 187 -4.15 -14.00 -17.82
C PHE B 187 -3.07 -14.69 -18.66
N ARG B 188 -1.79 -14.55 -18.30
CA ARG B 188 -0.71 -15.08 -19.19
C ARG B 188 -0.69 -16.61 -19.15
N GLU B 189 -1.03 -17.17 -18.00
CA GLU B 189 -1.17 -18.60 -17.83
C GLU B 189 -2.50 -19.16 -18.32
N LYS B 190 -3.40 -18.32 -18.81
CA LYS B 190 -4.70 -18.82 -19.28
C LYS B 190 -5.43 -19.62 -18.18
N LYS B 191 -5.48 -19.03 -17.00
CA LYS B 191 -6.21 -19.58 -15.90
C LYS B 191 -7.26 -18.58 -15.44
N THR B 192 -7.55 -17.63 -16.32
CA THR B 192 -8.72 -16.77 -16.18
C THR B 192 -10.02 -17.54 -16.49
N ILE B 193 -11.14 -16.92 -16.12
CA ILE B 193 -12.47 -17.49 -16.34
C ILE B 193 -13.39 -16.45 -16.95
N HIS B 194 -14.64 -16.84 -17.18
CA HIS B 194 -15.68 -15.95 -17.66
C HIS B 194 -16.42 -15.30 -16.51
N TYR B 195 -16.98 -14.11 -16.77
CA TYR B 195 -17.74 -13.36 -15.75
C TYR B 195 -18.82 -14.24 -15.12
N TYR B 196 -19.49 -15.06 -15.95
CA TYR B 196 -20.54 -16.00 -15.50
C TYR B 196 -20.12 -17.20 -14.64
N GLU B 197 -18.82 -17.27 -14.34
CA GLU B 197 -18.22 -18.39 -13.68
C GLU B 197 -17.74 -18.01 -12.26
N ILE B 198 -17.64 -16.72 -11.94
CA ILE B 198 -17.15 -16.26 -10.63
C ILE B 198 -18.02 -16.66 -9.42
N GLU B 199 -17.37 -17.08 -8.32
CA GLU B 199 -17.96 -17.21 -6.95
C GLU B 199 -17.00 -17.07 -5.76
#